data_7T28
#
_entry.id   7T28
#
_cell.length_a   82.485
_cell.length_b   82.485
_cell.length_c   76.098
_cell.angle_alpha   90.000
_cell.angle_beta   90.000
_cell.angle_gamma   120.000
#
_symmetry.space_group_name_H-M   'P 32 2 1'
#
loop_
_entity.id
_entity.type
_entity.pdbx_description
1 polymer 'Putative metal-dependent hydrolase'
2 non-polymer 'ZINC ION'
3 water water
#
_entity_poly.entity_id   1
_entity_poly.type   'polypeptide(L)'
_entity_poly.pdbx_seq_one_letter_code
;SMLHTTQIRMVGTGSAFSKKFYNNSALVTFTNGYNLLIDCGHSVPKGLHDADIPLESIDGILITHTHADHIGGLEEVALY
NKFVLGGRKIDLLVPNTLVESLWENSLKGGLRYSDTYDDLSLSDYFTVRSLKTFTSGAARTQLEENIAIKLYPTFHVSHM
ASYAVGLEDRGEDKVFYSSDTIFDEYLIDYALTYSWVFHDCQFFTGGVHASLDELLNYIPEEDQDRVFLMHYGDNMEDFF
TKTGRMRFALQGRTYIL
;
_entity_poly.pdbx_strand_id   A
#
# COMPACT_ATOMS: atom_id res chain seq x y z
N THR A 6 -2.91 -4.27 -17.27
CA THR A 6 -2.86 -4.11 -15.83
C THR A 6 -1.81 -5.02 -15.21
N GLN A 7 -0.70 -4.44 -14.75
CA GLN A 7 0.37 -5.18 -14.11
C GLN A 7 0.80 -4.45 -12.84
N ILE A 8 1.36 -5.22 -11.90
CA ILE A 8 1.83 -4.69 -10.64
C ILE A 8 3.33 -4.92 -10.54
N ARG A 9 4.01 -4.02 -9.84
CA ARG A 9 5.44 -4.15 -9.56
C ARG A 9 5.66 -3.85 -8.08
N MET A 10 6.16 -4.84 -7.35
CA MET A 10 6.43 -4.66 -5.93
C MET A 10 7.72 -3.87 -5.77
N VAL A 11 7.60 -2.59 -5.38
CA VAL A 11 8.78 -1.77 -5.14
C VAL A 11 9.60 -2.33 -4.00
N GLY A 12 9.01 -2.42 -2.81
CA GLY A 12 9.65 -3.06 -1.68
C GLY A 12 8.84 -4.23 -1.18
N THR A 13 9.48 -5.15 -0.46
CA THR A 13 8.82 -6.35 0.03
C THR A 13 9.04 -6.63 1.51
N GLY A 14 10.04 -6.01 2.15
CA GLY A 14 10.33 -6.32 3.52
C GLY A 14 9.37 -5.66 4.51
N SER A 15 9.48 -6.08 5.76
CA SER A 15 8.66 -5.52 6.84
C SER A 15 9.24 -4.18 7.29
N ALA A 16 8.75 -3.69 8.43
CA ALA A 16 9.18 -2.38 8.90
C ALA A 16 10.66 -2.36 9.29
N PHE A 17 11.19 -3.48 9.77
CA PHE A 17 12.55 -3.55 10.27
C PHE A 17 13.47 -4.35 9.36
N SER A 18 13.06 -4.59 8.12
CA SER A 18 13.92 -5.30 7.18
C SER A 18 15.05 -4.41 6.69
N LYS A 19 16.19 -5.03 6.39
CA LYS A 19 17.35 -4.32 5.87
C LYS A 19 17.74 -4.73 4.46
N LYS A 20 17.34 -5.91 4.00
CA LYS A 20 17.67 -6.36 2.66
C LYS A 20 16.64 -5.91 1.63
N PHE A 21 15.38 -5.75 2.03
CA PHE A 21 14.32 -5.29 1.14
C PHE A 21 13.78 -3.96 1.65
N TYR A 22 13.12 -3.23 0.76
CA TYR A 22 12.59 -1.92 1.09
C TYR A 22 11.26 -2.04 1.82
N ASN A 23 10.65 -0.89 2.09
CA ASN A 23 9.31 -0.88 2.67
C ASN A 23 8.32 -1.44 1.66
N ASN A 24 7.45 -2.32 2.15
CA ASN A 24 6.48 -3.01 1.29
C ASN A 24 5.55 -2.00 0.63
N SER A 25 5.75 -1.78 -0.67
CA SER A 25 4.95 -0.85 -1.44
C SER A 25 4.68 -1.45 -2.81
N ALA A 26 3.50 -1.18 -3.34
CA ALA A 26 3.07 -1.71 -4.63
C ALA A 26 3.04 -0.60 -5.67
N LEU A 27 3.52 -0.92 -6.87
CA LEU A 27 3.53 0.01 -7.99
C LEU A 27 2.61 -0.56 -9.06
N VAL A 28 1.37 -0.04 -9.10
CA VAL A 28 0.35 -0.54 -10.01
C VAL A 28 0.19 0.43 -11.17
N THR A 29 0.25 -0.11 -12.39
CA THR A 29 -0.01 0.66 -13.60
C THR A 29 -1.20 0.03 -14.31
N PHE A 30 -2.25 0.82 -14.53
CA PHE A 30 -3.50 0.32 -15.05
C PHE A 30 -3.51 0.34 -16.58
N THR A 31 -4.67 -0.01 -17.16
CA THR A 31 -4.78 -0.09 -18.61
C THR A 31 -4.85 1.28 -19.25
N ASN A 32 -5.31 2.30 -18.52
CA ASN A 32 -5.42 3.66 -19.05
C ASN A 32 -4.18 4.49 -18.78
N GLY A 33 -3.04 3.86 -18.50
CA GLY A 33 -1.81 4.57 -18.26
C GLY A 33 -1.67 5.17 -16.88
N TYR A 34 -2.61 4.91 -15.98
CA TYR A 34 -2.56 5.47 -14.63
C TYR A 34 -1.58 4.66 -13.78
N ASN A 35 -0.60 5.33 -13.20
CA ASN A 35 0.39 4.69 -12.34
C ASN A 35 0.06 5.00 -10.88
N LEU A 36 -0.20 3.96 -10.11
CA LEU A 36 -0.61 4.09 -8.71
C LEU A 36 0.42 3.44 -7.81
N LEU A 37 0.79 4.13 -6.74
CA LEU A 37 1.68 3.61 -5.71
C LEU A 37 0.89 3.42 -4.42
N ILE A 38 1.00 2.24 -3.82
CA ILE A 38 0.32 1.92 -2.58
C ILE A 38 1.35 2.01 -1.46
N ASP A 39 1.16 2.98 -0.56
CA ASP A 39 2.04 3.24 0.59
C ASP A 39 3.41 3.76 0.15
N CYS A 40 3.94 4.74 0.88
CA CYS A 40 5.22 5.37 0.54
C CYS A 40 5.99 5.62 1.84
N GLY A 41 6.79 4.64 2.23
CA GLY A 41 7.58 4.75 3.44
C GLY A 41 8.88 5.50 3.23
N HIS A 42 9.75 5.40 4.23
CA HIS A 42 11.01 6.14 4.21
C HIS A 42 11.96 5.64 3.13
N SER A 43 11.94 4.34 2.84
CA SER A 43 12.83 3.76 1.85
C SER A 43 12.14 3.47 0.51
N VAL A 44 10.91 3.90 0.34
CA VAL A 44 10.16 3.65 -0.90
C VAL A 44 10.67 4.55 -2.03
N PRO A 45 10.89 5.85 -1.82
CA PRO A 45 11.51 6.65 -2.90
C PRO A 45 12.84 6.11 -3.37
N LYS A 46 13.64 5.52 -2.47
CA LYS A 46 14.86 4.86 -2.91
C LYS A 46 14.55 3.58 -3.68
N GLY A 47 13.54 2.83 -3.24
CA GLY A 47 13.11 1.67 -4.00
C GLY A 47 12.61 2.03 -5.39
N LEU A 48 12.03 3.22 -5.53
CA LEU A 48 11.66 3.70 -6.86
C LEU A 48 12.89 4.09 -7.67
N HIS A 49 13.89 4.67 -7.01
CA HIS A 49 15.12 5.03 -7.71
C HIS A 49 15.92 3.79 -8.10
N ASP A 50 15.78 2.71 -7.35
CA ASP A 50 16.47 1.46 -7.70
C ASP A 50 15.78 0.78 -8.88
N ALA A 51 14.45 0.81 -8.91
CA ALA A 51 13.68 0.20 -9.99
C ALA A 51 13.71 1.00 -11.28
N ASP A 52 14.43 2.13 -11.30
CA ASP A 52 14.62 2.94 -12.51
C ASP A 52 13.30 3.48 -13.06
N ILE A 53 12.38 3.83 -12.17
CA ILE A 53 11.15 4.49 -12.57
C ILE A 53 11.21 5.93 -12.06
N PRO A 54 11.25 6.92 -12.95
CA PRO A 54 11.28 8.32 -12.50
C PRO A 54 10.01 8.67 -11.75
N LEU A 55 10.17 9.49 -10.71
CA LEU A 55 9.04 9.90 -9.89
C LEU A 55 8.08 10.83 -10.62
N GLU A 56 8.48 11.39 -11.76
CA GLU A 56 7.60 12.25 -12.53
C GLU A 56 6.44 11.49 -13.16
N SER A 57 6.48 10.16 -13.19
CA SER A 57 5.42 9.35 -13.77
C SER A 57 4.34 8.97 -12.77
N ILE A 58 4.51 9.31 -11.48
CA ILE A 58 3.53 8.95 -10.48
C ILE A 58 2.26 9.79 -10.66
N ASP A 59 1.11 9.11 -10.73
CA ASP A 59 -0.16 9.81 -10.86
C ASP A 59 -0.96 9.87 -9.57
N GLY A 60 -0.82 8.85 -8.72
CA GLY A 60 -1.56 8.82 -7.47
C GLY A 60 -0.86 7.94 -6.46
N ILE A 61 -1.08 8.25 -5.18
CA ILE A 61 -0.51 7.49 -4.08
C ILE A 61 -1.64 7.08 -3.14
N LEU A 62 -1.68 5.80 -2.80
CA LEU A 62 -2.68 5.26 -1.88
C LEU A 62 -2.04 4.96 -0.53
N ILE A 63 -2.75 5.29 0.55
CA ILE A 63 -2.23 5.19 1.90
C ILE A 63 -3.12 4.24 2.70
N THR A 64 -2.50 3.25 3.33
CA THR A 64 -3.20 2.33 4.21
C THR A 64 -2.68 2.37 5.64
N HIS A 65 -1.63 3.15 5.91
CA HIS A 65 -1.05 3.26 7.24
C HIS A 65 -0.89 4.75 7.59
N THR A 66 -0.85 5.02 8.88
CA THR A 66 -0.37 6.30 9.39
C THR A 66 0.96 6.16 10.12
N HIS A 67 1.71 5.10 9.81
CA HIS A 67 2.94 4.76 10.49
C HIS A 67 4.13 5.06 9.58
N ALA A 68 5.33 4.98 10.16
CA ALA A 68 6.54 5.47 9.50
C ALA A 68 6.83 4.71 8.22
N ASP A 69 6.68 3.39 8.24
CA ASP A 69 7.08 2.57 7.09
C ASP A 69 6.17 2.72 5.89
N HIS A 70 5.07 3.49 5.99
CA HIS A 70 4.20 3.72 4.85
C HIS A 70 3.96 5.19 4.54
N ILE A 71 4.32 6.12 5.43
CA ILE A 71 4.16 7.55 5.19
C ILE A 71 5.49 8.29 5.28
N GLY A 72 6.60 7.57 5.44
CA GLY A 72 7.87 8.24 5.64
C GLY A 72 8.31 9.07 4.45
N GLY A 73 8.07 8.56 3.24
CA GLY A 73 8.50 9.25 2.04
C GLY A 73 7.53 10.25 1.47
N LEU A 74 6.40 10.50 2.14
CA LEU A 74 5.42 11.45 1.62
C LEU A 74 5.97 12.87 1.63
N GLU A 75 6.74 13.23 2.66
CA GLU A 75 7.36 14.55 2.70
C GLU A 75 8.36 14.71 1.56
N GLU A 76 9.06 13.65 1.20
CA GLU A 76 10.00 13.71 0.08
C GLU A 76 9.26 13.83 -1.25
N VAL A 77 8.09 13.20 -1.38
CA VAL A 77 7.32 13.31 -2.62
C VAL A 77 6.82 14.73 -2.80
N ALA A 78 6.26 15.33 -1.74
CA ALA A 78 5.84 16.72 -1.81
C ALA A 78 7.03 17.65 -2.03
N LEU A 79 8.22 17.24 -1.57
CA LEU A 79 9.43 18.01 -1.83
C LEU A 79 9.75 17.99 -3.32
N TYR A 80 9.70 16.80 -3.94
CA TYR A 80 10.05 16.68 -5.35
C TYR A 80 9.04 17.39 -6.24
N ASN A 81 7.75 17.28 -5.91
CA ASN A 81 6.71 17.83 -6.78
C ASN A 81 6.67 19.35 -6.71
N LYS A 82 6.73 19.92 -5.50
CA LYS A 82 6.57 21.36 -5.35
C LYS A 82 7.80 22.13 -5.80
N PHE A 83 8.99 21.56 -5.66
CA PHE A 83 10.24 22.28 -5.95
C PHE A 83 10.73 22.02 -7.37
N VAL A 84 10.93 20.75 -7.74
CA VAL A 84 11.52 20.44 -9.03
C VAL A 84 10.47 20.43 -10.13
N LEU A 85 9.31 19.86 -9.85
CA LEU A 85 8.28 19.62 -10.86
C LEU A 85 7.30 20.80 -10.99
N GLY A 86 7.64 21.95 -10.44
CA GLY A 86 6.78 23.12 -10.56
C GLY A 86 5.45 23.01 -9.86
N GLY A 87 5.41 22.35 -8.71
CA GLY A 87 4.19 22.23 -7.93
C GLY A 87 3.11 21.41 -8.60
N ARG A 88 3.48 20.25 -9.13
CA ARG A 88 2.52 19.37 -9.78
C ARG A 88 1.75 18.61 -8.72
N LYS A 89 0.59 19.12 -8.34
CA LYS A 89 -0.25 18.47 -7.33
C LYS A 89 -0.86 17.19 -7.90
N ILE A 90 -0.58 16.06 -7.27
CA ILE A 90 -1.05 14.77 -7.77
C ILE A 90 -2.01 14.15 -6.77
N ASP A 91 -2.44 12.91 -7.05
CA ASP A 91 -3.46 12.26 -6.24
C ASP A 91 -2.86 11.61 -5.00
N LEU A 92 -3.48 11.86 -3.84
CA LEU A 92 -3.13 11.23 -2.58
C LEU A 92 -4.39 10.53 -2.07
N LEU A 93 -4.59 9.30 -2.55
CA LEU A 93 -5.77 8.51 -2.19
C LEU A 93 -5.67 8.09 -0.74
N VAL A 94 -6.42 8.75 0.13
CA VAL A 94 -6.39 8.51 1.57
C VAL A 94 -7.81 8.20 2.03
N PRO A 95 -8.02 7.13 2.80
CA PRO A 95 -9.33 6.90 3.41
C PRO A 95 -9.71 8.06 4.34
N ASN A 96 -11.02 8.21 4.53
CA ASN A 96 -11.53 9.39 5.24
C ASN A 96 -11.06 9.44 6.69
N THR A 97 -11.02 8.29 7.37
CA THR A 97 -10.66 8.27 8.78
C THR A 97 -9.17 8.52 9.00
N LEU A 98 -8.34 8.36 7.97
CA LEU A 98 -6.91 8.55 8.09
C LEU A 98 -6.44 9.90 7.55
N VAL A 99 -7.35 10.86 7.40
CA VAL A 99 -6.97 12.16 6.86
C VAL A 99 -6.43 13.06 7.97
N GLU A 100 -7.26 13.34 8.98
CA GLU A 100 -6.85 14.21 10.07
C GLU A 100 -5.69 13.62 10.87
N SER A 101 -5.62 12.28 10.94
CA SER A 101 -4.52 11.63 11.63
C SER A 101 -3.23 11.63 10.82
N LEU A 102 -3.31 11.91 9.52
CA LEU A 102 -2.12 11.87 8.67
C LEU A 102 -1.33 13.17 8.76
N TRP A 103 -2.02 14.31 8.67
CA TRP A 103 -1.33 15.60 8.61
C TRP A 103 -0.99 16.13 10.00
N GLU A 104 -1.98 16.23 10.87
CA GLU A 104 -1.76 16.85 12.18
C GLU A 104 -0.81 16.04 13.05
N ASN A 105 -0.82 14.71 12.91
CA ASN A 105 -0.05 13.86 13.80
C ASN A 105 1.21 13.32 13.14
N SER A 106 1.05 12.49 12.11
CA SER A 106 2.18 11.76 11.56
C SER A 106 3.17 12.67 10.84
N LEU A 107 2.70 13.80 10.29
CA LEU A 107 3.57 14.74 9.60
C LEU A 107 3.86 15.98 10.43
N LYS A 108 3.69 15.89 11.75
CA LYS A 108 4.03 16.97 12.69
C LYS A 108 3.27 18.26 12.38
N GLY A 109 2.10 18.13 11.74
CA GLY A 109 1.31 19.30 11.39
C GLY A 109 1.95 20.22 10.39
N GLY A 110 2.99 19.76 9.69
CA GLY A 110 3.70 20.59 8.74
C GLY A 110 5.05 20.01 8.38
N LEU A 111 5.48 20.19 7.13
CA LEU A 111 6.73 19.61 6.68
C LEU A 111 7.92 20.45 7.15
N ARG A 112 9.10 19.84 7.10
CA ARG A 112 10.29 20.45 7.68
C ARG A 112 10.86 21.54 6.78
N TYR A 113 11.12 21.21 5.51
CA TYR A 113 11.84 22.14 4.64
C TYR A 113 10.93 23.24 4.09
N SER A 114 9.63 22.98 3.99
CA SER A 114 8.66 23.98 3.54
C SER A 114 7.67 24.21 4.68
N ASP A 115 8.15 24.82 5.77
CA ASP A 115 7.34 25.03 6.95
C ASP A 115 6.18 25.99 6.65
N THR A 116 5.29 26.11 7.63
CA THR A 116 4.06 26.89 7.49
C THR A 116 4.31 28.32 7.03
N LEU A 120 -0.16 26.32 6.28
CA LEU A 120 -0.31 25.38 5.16
C LEU A 120 -0.85 24.05 5.65
N SER A 121 -1.60 23.38 4.78
CA SER A 121 -2.20 22.08 5.10
C SER A 121 -1.78 21.06 4.03
N LEU A 122 -2.47 19.91 4.03
CA LEU A 122 -2.17 18.86 3.07
C LEU A 122 -2.68 19.16 1.68
N SER A 123 -3.71 20.00 1.55
CA SER A 123 -4.25 20.34 0.25
C SER A 123 -3.29 21.19 -0.58
N ASP A 124 -2.22 21.70 0.01
CA ASP A 124 -1.25 22.50 -0.73
C ASP A 124 -0.22 21.66 -1.47
N TYR A 125 0.01 20.42 -1.03
CA TYR A 125 0.99 19.54 -1.66
C TYR A 125 0.36 18.44 -2.50
N PHE A 126 -0.88 18.07 -2.23
CA PHE A 126 -1.54 16.97 -2.93
C PHE A 126 -3.02 17.30 -3.09
N THR A 127 -3.65 16.62 -4.04
CA THR A 127 -5.10 16.70 -4.23
C THR A 127 -5.73 15.58 -3.41
N VAL A 128 -6.14 15.89 -2.19
CA VAL A 128 -6.58 14.88 -1.24
C VAL A 128 -7.88 14.26 -1.76
N ARG A 129 -7.83 12.98 -2.10
CA ARG A 129 -9.01 12.22 -2.51
C ARG A 129 -9.47 11.42 -1.29
N SER A 130 -10.41 11.98 -0.54
CA SER A 130 -10.92 11.32 0.65
C SER A 130 -11.77 10.12 0.23
N LEU A 131 -11.24 8.92 0.47
CA LEU A 131 -11.97 7.71 0.13
C LEU A 131 -12.95 7.35 1.24
N LYS A 132 -14.02 6.63 0.86
CA LYS A 132 -15.10 6.29 1.77
C LYS A 132 -14.80 4.99 2.49
N THR A 133 -15.04 4.96 3.80
CA THR A 133 -14.80 3.78 4.60
C THR A 133 -15.90 3.63 5.66
N PHE A 134 -16.01 2.42 6.18
CA PHE A 134 -16.68 2.16 7.45
C PHE A 134 -16.18 0.81 7.96
N THR A 135 -16.70 0.40 9.11
CA THR A 135 -16.08 -0.66 9.90
C THR A 135 -16.75 -2.02 9.77
N SER A 136 -17.98 -2.09 9.26
CA SER A 136 -18.69 -3.37 9.19
C SER A 136 -18.49 -4.10 7.87
N GLY A 137 -17.90 -3.47 6.87
CA GLY A 137 -17.71 -4.14 5.60
C GLY A 137 -16.82 -3.36 4.67
N ALA A 138 -16.86 -3.75 3.40
CA ALA A 138 -16.06 -3.11 2.37
C ALA A 138 -16.70 -1.81 1.92
N ALA A 139 -15.96 -1.05 1.11
CA ALA A 139 -16.42 0.23 0.61
C ALA A 139 -15.80 0.51 -0.74
N ARG A 140 -16.63 0.88 -1.71
CA ARG A 140 -16.20 1.16 -3.07
C ARG A 140 -16.09 2.66 -3.29
N THR A 141 -15.08 3.07 -4.05
CA THR A 141 -14.90 4.48 -4.39
C THR A 141 -14.30 4.58 -5.79
N GLN A 142 -15.01 5.26 -6.68
CA GLN A 142 -14.55 5.42 -8.06
C GLN A 142 -13.52 6.55 -8.13
N LEU A 143 -12.60 6.44 -9.09
CA LEU A 143 -11.55 7.44 -9.26
C LEU A 143 -11.63 8.08 -10.63
N GLU A 144 -11.40 7.34 -11.70
CA GLU A 144 -11.33 7.87 -13.05
C GLU A 144 -12.48 7.27 -13.87
N GLU A 145 -12.29 6.92 -15.15
CA GLU A 145 -13.31 6.25 -15.92
C GLU A 145 -13.35 4.75 -15.64
N ASN A 146 -12.19 4.14 -15.34
CA ASN A 146 -12.12 2.70 -15.14
C ASN A 146 -11.24 2.34 -13.95
N ILE A 147 -11.12 3.24 -12.98
CA ILE A 147 -10.29 3.02 -11.79
C ILE A 147 -11.23 2.98 -10.59
N ALA A 148 -11.49 1.79 -10.09
CA ALA A 148 -12.29 1.59 -8.89
C ALA A 148 -11.42 1.01 -7.78
N ILE A 149 -11.79 1.28 -6.53
CA ILE A 149 -11.02 0.83 -5.38
C ILE A 149 -11.99 0.38 -4.29
N LYS A 150 -11.79 -0.85 -3.80
CA LYS A 150 -12.55 -1.40 -2.69
C LYS A 150 -11.66 -1.40 -1.44
N LEU A 151 -12.16 -0.82 -0.36
CA LEU A 151 -11.38 -0.67 0.87
C LEU A 151 -12.00 -1.52 1.97
N TYR A 152 -11.18 -2.39 2.57
CA TYR A 152 -11.61 -3.27 3.65
C TYR A 152 -10.84 -2.90 4.93
N PRO A 153 -11.53 -2.55 6.02
CA PRO A 153 -10.81 -2.15 7.24
C PRO A 153 -10.15 -3.34 7.93
N THR A 154 -8.83 -3.40 7.89
CA THR A 154 -8.09 -4.48 8.52
C THR A 154 -7.65 -4.08 9.92
N PHE A 155 -7.45 -5.08 10.77
CA PHE A 155 -6.98 -4.88 12.13
C PHE A 155 -5.47 -5.09 12.16
N HIS A 156 -4.74 -4.05 12.57
CA HIS A 156 -3.30 -4.11 12.68
C HIS A 156 -2.88 -3.99 14.13
N VAL A 157 -2.85 -2.77 14.66
CA VAL A 157 -2.61 -2.53 16.07
C VAL A 157 -3.88 -1.94 16.68
N SER A 158 -4.00 -2.08 18.00
CA SER A 158 -5.19 -1.63 18.69
C SER A 158 -5.29 -0.10 18.67
N HIS A 159 -6.54 0.38 18.59
CA HIS A 159 -6.84 1.82 18.61
C HIS A 159 -6.19 2.55 17.44
N MET A 160 -6.12 1.88 16.29
CA MET A 160 -5.58 2.47 15.07
C MET A 160 -6.17 1.74 13.88
N ALA A 161 -6.46 2.49 12.81
CA ALA A 161 -7.18 1.96 11.66
C ALA A 161 -6.21 1.73 10.50
N SER A 162 -6.17 0.48 10.03
CA SER A 162 -5.48 0.11 8.81
C SER A 162 -6.51 -0.39 7.80
N TYR A 163 -6.10 -0.48 6.53
CA TYR A 163 -7.04 -0.82 5.47
C TYR A 163 -6.38 -1.71 4.43
N ALA A 164 -7.18 -2.60 3.86
CA ALA A 164 -6.80 -3.41 2.71
C ALA A 164 -7.54 -2.87 1.48
N VAL A 165 -6.88 -2.92 0.33
CA VAL A 165 -7.39 -2.32 -0.89
C VAL A 165 -7.55 -3.40 -1.96
N GLY A 166 -8.64 -3.31 -2.71
CA GLY A 166 -8.82 -4.10 -3.90
C GLY A 166 -8.97 -3.19 -5.10
N LEU A 167 -8.44 -3.64 -6.24
CA LEU A 167 -8.38 -2.84 -7.45
C LEU A 167 -9.22 -3.47 -8.55
N GLU A 168 -10.10 -2.67 -9.15
CA GLU A 168 -10.90 -3.09 -10.30
C GLU A 168 -10.57 -2.19 -11.47
N ASP A 169 -10.10 -2.77 -12.56
CA ASP A 169 -9.81 -2.04 -13.78
C ASP A 169 -10.89 -2.36 -14.80
N ARG A 170 -11.54 -1.31 -15.32
CA ARG A 170 -12.67 -1.39 -16.26
C ARG A 170 -13.63 -2.52 -15.93
N GLY A 171 -13.92 -2.73 -14.65
CA GLY A 171 -14.95 -3.67 -14.26
C GLY A 171 -14.45 -4.92 -13.55
N GLU A 172 -13.34 -5.48 -14.02
CA GLU A 172 -12.85 -6.76 -13.51
C GLU A 172 -11.95 -6.56 -12.29
N ASP A 173 -12.14 -7.41 -11.29
CA ASP A 173 -11.32 -7.38 -10.08
C ASP A 173 -9.94 -7.95 -10.38
N LYS A 174 -8.92 -7.11 -10.28
CA LYS A 174 -7.57 -7.47 -10.73
C LYS A 174 -6.72 -8.05 -9.62
N VAL A 175 -6.62 -7.37 -8.47
CA VAL A 175 -5.72 -7.81 -7.40
C VAL A 175 -6.27 -7.34 -6.07
N PHE A 176 -6.10 -8.16 -5.04
CA PHE A 176 -6.47 -7.83 -3.67
C PHE A 176 -5.19 -7.63 -2.87
N TYR A 177 -4.99 -6.42 -2.38
CA TYR A 177 -3.78 -6.04 -1.64
C TYR A 177 -4.14 -5.85 -0.17
N SER A 178 -3.53 -6.65 0.70
CA SER A 178 -3.86 -6.63 2.12
C SER A 178 -3.08 -5.57 2.90
N SER A 179 -1.92 -5.14 2.38
CA SER A 179 -1.07 -4.16 3.05
C SER A 179 -0.64 -4.64 4.43
N THR A 181 -1.50 -6.07 7.94
CA THR A 181 -2.67 -6.63 8.62
C THR A 181 -2.32 -7.91 9.37
N ILE A 182 -3.14 -8.26 10.35
CA ILE A 182 -2.98 -9.50 11.09
C ILE A 182 -3.69 -10.62 10.34
N PHE A 183 -3.66 -11.83 10.87
CA PHE A 183 -4.37 -12.95 10.28
C PHE A 183 -5.87 -12.74 10.47
N ASP A 184 -6.53 -12.27 9.41
CA ASP A 184 -7.98 -12.08 9.43
C ASP A 184 -8.66 -13.37 9.01
N GLU A 185 -9.57 -13.86 9.86
CA GLU A 185 -10.20 -15.16 9.61
C GLU A 185 -11.16 -15.09 8.42
N TYR A 186 -11.87 -13.98 8.27
CA TYR A 186 -12.88 -13.83 7.22
C TYR A 186 -12.25 -13.09 6.05
N LEU A 187 -11.77 -13.85 5.08
CA LEU A 187 -11.22 -13.30 3.84
C LEU A 187 -12.26 -13.41 2.73
N ILE A 188 -11.93 -12.83 1.58
CA ILE A 188 -12.83 -12.79 0.43
C ILE A 188 -12.29 -13.53 -0.79
N ASP A 189 -11.02 -13.91 -0.78
CA ASP A 189 -10.39 -14.57 -1.92
C ASP A 189 -11.10 -15.88 -2.30
N THR A 193 -13.10 -13.97 -4.09
CA THR A 193 -13.77 -13.15 -5.08
C THR A 193 -12.79 -12.20 -5.78
N TYR A 194 -11.52 -12.59 -5.83
CA TYR A 194 -10.50 -11.78 -6.46
C TYR A 194 -9.57 -12.66 -7.28
N SER A 195 -9.02 -12.07 -8.35
CA SER A 195 -8.11 -12.81 -9.22
C SER A 195 -6.81 -13.15 -8.51
N TRP A 196 -6.14 -12.13 -7.96
CA TRP A 196 -4.88 -12.32 -7.26
C TRP A 196 -4.97 -11.70 -5.86
N VAL A 197 -4.15 -12.23 -4.95
CA VAL A 197 -4.17 -11.80 -3.56
C VAL A 197 -2.72 -11.68 -3.07
N PHE A 198 -2.34 -10.48 -2.63
CA PHE A 198 -1.07 -10.24 -1.96
C PHE A 198 -1.35 -10.04 -0.47
N HIS A 199 -0.75 -10.87 0.36
CA HIS A 199 -1.05 -10.89 1.78
C HIS A 199 0.20 -10.66 2.62
N ASP A 200 0.05 -9.86 3.67
CA ASP A 200 1.11 -9.69 4.66
C ASP A 200 1.45 -11.05 5.29
N CYS A 201 2.75 -11.33 5.38
CA CYS A 201 3.23 -12.58 5.93
C CYS A 201 4.30 -12.31 6.98
N GLN A 202 4.25 -13.07 8.08
CA GLN A 202 5.22 -12.95 9.14
C GLN A 202 5.83 -14.32 9.42
N PHE A 203 7.00 -14.32 10.04
CA PHE A 203 7.73 -15.54 10.35
C PHE A 203 7.61 -15.95 11.80
N PHE A 204 6.91 -15.18 12.62
CA PHE A 204 6.74 -15.49 14.04
C PHE A 204 5.28 -15.36 14.42
N THR A 205 4.76 -16.34 15.15
CA THR A 205 3.37 -16.31 15.59
C THR A 205 3.17 -15.19 16.61
N GLY A 206 2.01 -14.56 16.54
CA GLY A 206 1.71 -13.44 17.41
C GLY A 206 2.14 -12.12 16.82
N GLY A 207 2.07 -11.09 17.65
CA GLY A 207 2.39 -9.75 17.22
C GLY A 207 1.21 -9.07 16.55
N VAL A 208 1.46 -8.36 15.45
CA VAL A 208 0.41 -7.64 14.75
C VAL A 208 0.49 -7.92 13.25
N HIS A 209 0.97 -9.10 12.88
CA HIS A 209 1.07 -9.51 11.50
C HIS A 209 0.54 -10.93 11.34
N ALA A 210 0.05 -11.23 10.13
CA ALA A 210 -0.33 -12.59 9.78
C ALA A 210 0.92 -13.42 9.57
N SER A 211 1.06 -14.51 10.32
CA SER A 211 2.23 -15.36 10.22
C SER A 211 2.05 -16.42 9.15
N LEU A 212 3.18 -17.01 8.72
CA LEU A 212 3.15 -17.99 7.65
C LEU A 212 2.39 -19.25 8.07
N ASP A 213 2.59 -19.69 9.32
CA ASP A 213 1.90 -20.89 9.77
C ASP A 213 0.39 -20.70 9.80
N GLU A 214 -0.07 -19.51 10.19
CA GLU A 214 -1.49 -19.22 10.16
C GLU A 214 -2.04 -19.26 8.75
N LEU A 215 -1.22 -18.94 7.75
CA LEU A 215 -1.65 -19.06 6.37
C LEU A 215 -1.75 -20.51 5.95
N LEU A 216 -0.80 -21.35 6.38
CA LEU A 216 -0.86 -22.77 6.08
C LEU A 216 -1.96 -23.47 6.84
N ASN A 217 -2.38 -22.94 8.00
CA ASN A 217 -3.53 -23.48 8.71
C ASN A 217 -4.82 -23.28 7.93
N TYR A 218 -4.85 -22.34 7.00
CA TYR A 218 -6.00 -22.06 6.15
C TYR A 218 -5.55 -22.15 4.70
N ILE A 219 -5.25 -23.36 4.25
CA ILE A 219 -4.60 -23.58 2.96
C ILE A 219 -5.11 -24.81 2.21
N PRO A 220 -5.59 -25.91 2.87
CA PRO A 220 -6.07 -27.05 2.08
C PRO A 220 -7.36 -26.75 1.32
N GLU A 221 -7.24 -26.15 0.14
CA GLU A 221 -8.39 -25.85 -0.70
C GLU A 221 -7.95 -25.53 -2.13
N GLU A 222 -6.63 -25.56 -2.36
CA GLU A 222 -6.01 -25.34 -3.67
C GLU A 222 -6.25 -23.92 -4.20
N ASP A 223 -6.60 -22.98 -3.34
CA ASP A 223 -6.56 -21.57 -3.72
C ASP A 223 -5.16 -20.99 -3.60
N GLN A 224 -4.16 -21.83 -3.32
CA GLN A 224 -2.79 -21.38 -3.12
C GLN A 224 -2.18 -20.78 -4.37
N ASP A 225 -2.69 -21.13 -5.55
CA ASP A 225 -2.17 -20.58 -6.79
C ASP A 225 -2.33 -19.06 -6.84
N ARG A 226 -3.34 -18.53 -6.16
CA ARG A 226 -3.63 -17.10 -6.19
C ARG A 226 -2.87 -16.31 -5.14
N VAL A 227 -2.47 -16.94 -4.05
CA VAL A 227 -1.91 -16.22 -2.90
C VAL A 227 -0.46 -15.85 -3.17
N PHE A 228 -0.09 -14.63 -2.78
CA PHE A 228 1.29 -14.16 -2.84
C PHE A 228 1.62 -13.49 -1.51
N LEU A 229 2.82 -13.77 -1.00
CA LEU A 229 3.22 -13.32 0.33
C LEU A 229 4.14 -12.11 0.23
N MET A 230 4.12 -11.28 1.27
CA MET A 230 4.85 -10.03 1.28
C MET A 230 4.96 -9.55 2.73
N HIS A 231 5.70 -8.44 2.92
CA HIS A 231 5.77 -7.74 4.20
C HIS A 231 6.29 -8.64 5.30
N TYR A 232 7.40 -9.33 5.02
CA TYR A 232 7.96 -10.34 5.90
C TYR A 232 9.29 -9.87 6.49
N GLY A 233 9.81 -10.68 7.41
CA GLY A 233 11.06 -10.39 8.06
C GLY A 233 12.23 -10.46 7.11
N ASP A 234 13.42 -10.18 7.66
CA ASP A 234 14.61 -10.04 6.83
C ASP A 234 15.30 -11.39 6.58
N ASN A 235 15.31 -12.28 7.57
CA ASN A 235 15.85 -13.62 7.37
C ASN A 235 14.91 -14.38 6.45
N MET A 236 15.26 -14.43 5.16
CA MET A 236 14.33 -14.82 4.11
C MET A 236 14.66 -16.15 3.44
N GLU A 237 15.84 -16.73 3.71
CA GLU A 237 16.31 -17.94 3.03
C GLU A 237 15.26 -19.04 2.98
N ASP A 238 14.34 -18.94 2.01
CA ASP A 238 13.29 -19.94 1.84
C ASP A 238 13.12 -20.28 0.36
N GLY A 244 2.21 -24.61 0.86
CA GLY A 244 3.53 -24.31 0.35
C GLY A 244 3.53 -23.85 -1.10
N ARG A 245 2.41 -24.09 -1.78
CA ARG A 245 2.28 -23.68 -3.19
C ARG A 245 2.35 -22.17 -3.36
N MET A 246 2.07 -21.40 -2.30
CA MET A 246 2.11 -19.95 -2.40
C MET A 246 3.53 -19.49 -2.70
N ARG A 247 3.66 -18.54 -3.63
CA ARG A 247 4.95 -17.99 -4.02
C ARG A 247 5.11 -16.59 -3.42
N PHE A 248 6.28 -16.33 -2.84
CA PHE A 248 6.57 -15.03 -2.28
C PHE A 248 6.64 -13.97 -3.39
N ALA A 249 6.35 -12.73 -3.01
CA ALA A 249 6.49 -11.62 -3.93
C ALA A 249 7.97 -11.27 -4.09
N LEU A 250 8.47 -11.38 -5.32
CA LEU A 250 9.88 -11.12 -5.61
C LEU A 250 10.08 -9.64 -5.87
N GLN A 251 10.98 -9.01 -5.12
CA GLN A 251 11.26 -7.60 -5.29
C GLN A 251 11.93 -7.35 -6.64
N GLY A 252 11.39 -6.41 -7.40
CA GLY A 252 11.91 -6.13 -8.72
C GLY A 252 11.41 -7.04 -9.81
N ARG A 253 10.26 -7.68 -9.61
CA ARG A 253 9.65 -8.55 -10.61
C ARG A 253 8.32 -7.94 -11.04
N THR A 254 8.13 -7.82 -12.36
CA THR A 254 6.95 -7.16 -12.90
C THR A 254 5.84 -8.16 -13.15
N TYR A 255 4.60 -7.73 -12.91
CA TYR A 255 3.41 -8.54 -13.13
C TYR A 255 3.47 -9.89 -12.41
#